data_4PYK
#
_entry.id   4PYK
#
_cell.length_a   54.786
_cell.length_b   66.825
_cell.length_c   128.032
_cell.angle_alpha   90.00
_cell.angle_beta   90.00
_cell.angle_gamma   90.00
#
_symmetry.space_group_name_H-M   'C 2 2 21'
#
loop_
_entity.id
_entity.type
_entity.pdbx_description
1 polymer 'Catechol O-methyltransferase'
2 non-polymer 'SODIUM ION'
3 non-polymer 'MAGNESIUM ION'
4 non-polymer 'CHLORIDE ION'
5 water water
#
_entity_poly.entity_id   1
_entity_poly.type   'polypeptide(L)'
_entity_poly.pdbx_seq_one_letter_code
;MGDTKEQRILNHVLQHAEPGNAQSVLEAIDTYCEQKEWAMNVGDKKGKIVDAVIQEHQPSVLLELGAYCGYSAVRMARLL
SPGARLITIEINPDCAAITQRMVDFAGVKDKVTLVVGASQDIIPQLKKKYDVDTLDMVFLDHWKDRYLPDTLLLEECGLL
RKGTVLLADNVICPGAPDFLAHVRGSSCFECTHYQSFLEYREVVDGLEKAIYKGPGSEAGP
;
_entity_poly.pdbx_strand_id   A
#
loop_
_chem_comp.id
_chem_comp.type
_chem_comp.name
_chem_comp.formula
CL non-polymer 'CHLORIDE ION' 'Cl -1'
MG non-polymer 'MAGNESIUM ION' 'Mg 2'
NA non-polymer 'SODIUM ION' 'Na 1'
#
# COMPACT_ATOMS: atom_id res chain seq x y z
N ASP A 3 21.76 5.55 -12.96
CA ASP A 3 21.71 6.97 -12.66
C ASP A 3 20.51 7.30 -11.79
N THR A 4 20.53 8.46 -11.14
CA THR A 4 19.38 8.91 -10.37
C THR A 4 18.31 9.44 -11.32
N LYS A 5 17.08 9.56 -10.82
CA LYS A 5 15.96 10.03 -11.62
C LYS A 5 16.16 11.47 -12.14
N GLU A 6 16.90 12.29 -11.39
CA GLU A 6 17.25 13.62 -11.84
C GLU A 6 18.17 13.57 -13.06
N GLN A 7 19.19 12.72 -13.01
CA GLN A 7 20.07 12.56 -14.16
C GLN A 7 19.26 12.14 -15.37
N ARG A 8 18.32 11.23 -15.17
CA ARG A 8 17.56 10.68 -16.30
C ARG A 8 16.70 11.76 -16.95
N ILE A 9 16.08 12.58 -16.11
CA ILE A 9 15.31 13.70 -16.60
C ILE A 9 16.23 14.62 -17.41
N LEU A 10 17.36 15.02 -16.85
CA LEU A 10 18.31 15.86 -17.61
C LEU A 10 18.76 15.17 -18.90
N ASN A 11 19.12 13.89 -18.80
CA ASN A 11 19.57 13.13 -19.97
C ASN A 11 18.52 13.11 -21.05
N HIS A 12 17.25 13.06 -20.65
CA HIS A 12 16.17 13.07 -21.62
C HIS A 12 16.09 14.44 -22.31
N VAL A 13 16.16 15.51 -21.52
CA VAL A 13 16.09 16.87 -22.05
C VAL A 13 17.20 17.14 -23.06
N LEU A 14 18.42 16.75 -22.73
CA LEU A 14 19.55 16.95 -23.64
C LEU A 14 19.36 16.29 -24.99
N GLN A 15 18.85 15.06 -24.96
CA GLN A 15 18.62 14.28 -26.18
C GLN A 15 17.43 14.77 -26.99
N HIS A 16 16.49 15.46 -26.37
CA HIS A 16 15.19 15.63 -27.02
C HIS A 16 14.65 17.04 -27.09
N ALA A 17 15.10 17.93 -26.21
CA ALA A 17 14.58 19.30 -26.22
C ALA A 17 15.42 20.21 -27.11
N GLU A 18 14.81 21.28 -27.60
CA GLU A 18 15.50 22.29 -28.38
C GLU A 18 16.33 23.18 -27.46
N PRO A 19 17.67 23.21 -27.64
CA PRO A 19 18.54 24.06 -26.80
C PRO A 19 18.08 25.52 -26.82
N GLY A 20 18.09 26.18 -25.67
CA GLY A 20 17.74 27.59 -25.60
C GLY A 20 16.26 27.92 -25.62
N ASN A 21 15.40 26.90 -25.67
CA ASN A 21 13.96 27.07 -25.74
C ASN A 21 13.35 26.48 -24.48
N ALA A 22 12.96 27.35 -23.54
CA ALA A 22 12.50 26.90 -22.24
C ALA A 22 11.20 26.11 -22.34
N GLN A 23 10.31 26.52 -23.23
CA GLN A 23 9.04 25.82 -23.37
C GLN A 23 9.26 24.40 -23.88
N SER A 24 10.24 24.24 -24.78
CA SER A 24 10.62 22.92 -25.29
C SER A 24 11.20 22.02 -24.20
N VAL A 25 12.00 22.59 -23.31
CA VAL A 25 12.51 21.87 -22.15
C VAL A 25 11.39 21.40 -21.22
N LEU A 26 10.52 22.32 -20.80
CA LEU A 26 9.38 21.96 -19.98
C LEU A 26 8.52 20.88 -20.61
N GLU A 27 8.15 21.08 -21.86
CA GLU A 27 7.39 20.09 -22.62
C GLU A 27 8.11 18.75 -22.60
N ALA A 28 9.42 18.76 -22.79
CA ALA A 28 10.20 17.52 -22.80
C ALA A 28 10.07 16.78 -21.47
N ILE A 29 10.29 17.50 -20.38
CA ILE A 29 10.21 16.94 -19.05
C ILE A 29 8.79 16.44 -18.73
N ASP A 30 7.78 17.26 -19.00
CA ASP A 30 6.38 16.87 -18.79
C ASP A 30 6.09 15.61 -19.56
N THR A 31 6.68 15.47 -20.75
CA THR A 31 6.49 14.27 -21.56
C THR A 31 7.15 13.08 -20.90
N TYR A 32 8.44 13.21 -20.55
CA TYR A 32 9.14 12.15 -19.86
C TYR A 32 8.35 11.60 -18.66
N CYS A 33 7.78 12.49 -17.85
CA CYS A 33 7.02 12.09 -16.67
C CYS A 33 5.65 11.52 -17.03
N GLU A 34 4.97 12.17 -17.97
CA GLU A 34 3.65 11.72 -18.44
C GLU A 34 3.71 10.30 -19.00
N GLN A 35 4.83 9.95 -19.60
CA GLN A 35 5.01 8.64 -20.21
C GLN A 35 5.35 7.57 -19.17
N LYS A 36 6.22 7.89 -18.23
CA LYS A 36 6.54 6.97 -17.13
C LYS A 36 5.28 6.62 -16.34
N GLU A 37 4.43 7.63 -16.11
CA GLU A 37 3.19 7.47 -15.36
C GLU A 37 2.18 6.65 -16.15
N TRP A 38 2.18 6.80 -17.48
CA TRP A 38 1.35 5.99 -18.34
C TRP A 38 1.93 4.58 -18.44
N ALA A 39 3.26 4.51 -18.37
CA ALA A 39 3.96 3.23 -18.37
C ALA A 39 3.66 2.46 -17.10
N MET A 40 3.50 3.18 -15.99
CA MET A 40 3.20 2.53 -14.71
C MET A 40 1.73 2.12 -14.61
N ASN A 41 0.81 2.96 -15.09
CA ASN A 41 -0.62 2.67 -14.99
C ASN A 41 -1.09 1.57 -15.96
N VAL A 42 -0.60 1.63 -17.20
CA VAL A 42 -0.89 0.60 -18.19
C VAL A 42 -0.12 -0.68 -17.88
N GLY A 43 1.09 -0.52 -17.35
CA GLY A 43 1.89 -1.65 -16.89
C GLY A 43 1.30 -2.32 -15.66
N ASP A 44 0.32 -1.64 -15.04
CA ASP A 44 -0.46 -2.19 -13.92
C ASP A 44 0.43 -2.68 -12.78
N LYS A 45 1.54 -1.99 -12.55
CA LYS A 45 2.60 -2.44 -11.64
C LYS A 45 2.11 -2.84 -10.26
N LYS A 46 1.42 -1.93 -9.59
CA LYS A 46 1.09 -2.14 -8.18
C LYS A 46 0.20 -3.38 -8.00
N GLY A 47 -0.86 -3.47 -8.79
CA GLY A 47 -1.78 -4.58 -8.69
C GLY A 47 -1.17 -5.91 -9.12
N LYS A 48 -0.29 -5.86 -10.11
CA LYS A 48 0.43 -7.05 -10.56
C LYS A 48 1.34 -7.62 -9.47
N ILE A 49 1.77 -6.74 -8.57
CA ILE A 49 2.72 -7.10 -7.53
C ILE A 49 2.04 -7.85 -6.38
N VAL A 50 0.96 -7.24 -5.90
CA VAL A 50 0.11 -7.83 -4.88
C VAL A 50 -0.38 -9.20 -5.31
N ASP A 51 -0.87 -9.29 -6.55
CA ASP A 51 -1.37 -10.52 -7.15
C ASP A 51 -0.34 -11.60 -7.16
N ALA A 52 0.87 -11.21 -7.55
CA ALA A 52 2.00 -12.11 -7.65
C ALA A 52 2.37 -12.69 -6.30
N VAL A 53 2.42 -11.82 -5.28
CA VAL A 53 2.74 -12.27 -3.93
C VAL A 53 1.69 -13.28 -3.45
N ILE A 54 0.42 -12.96 -3.64
CA ILE A 54 -0.65 -13.84 -3.17
C ILE A 54 -0.62 -15.21 -3.85
N GLN A 55 -0.44 -15.21 -5.17
CA GLN A 55 -0.40 -16.47 -5.90
C GLN A 55 0.89 -17.25 -5.63
N GLU A 56 1.94 -16.54 -5.25
CA GLU A 56 3.19 -17.19 -4.89
C GLU A 56 3.07 -17.91 -3.55
N HIS A 57 2.38 -17.31 -2.58
CA HIS A 57 2.38 -17.84 -1.22
C HIS A 57 1.12 -18.57 -0.75
N GLN A 58 0.05 -18.48 -1.55
CA GLN A 58 -1.27 -19.07 -1.28
C GLN A 58 -1.77 -18.97 0.16
N PRO A 59 -1.94 -17.74 0.67
CA PRO A 59 -2.34 -17.63 2.08
C PRO A 59 -3.81 -18.03 2.28
N SER A 60 -4.13 -18.53 3.48
CA SER A 60 -5.49 -18.93 3.85
C SER A 60 -6.08 -18.02 4.93
N VAL A 61 -5.22 -17.50 5.79
CA VAL A 61 -5.65 -16.41 6.68
C VAL A 61 -4.82 -15.17 6.38
N LEU A 62 -5.49 -14.15 5.89
CA LEU A 62 -4.81 -12.98 5.38
C LEU A 62 -5.37 -11.76 6.10
N LEU A 63 -4.47 -10.91 6.63
CA LEU A 63 -4.87 -9.75 7.43
C LEU A 63 -4.54 -8.44 6.72
N GLU A 64 -5.57 -7.63 6.50
CA GLU A 64 -5.38 -6.36 5.81
C GLU A 64 -5.57 -5.23 6.78
N LEU A 65 -4.55 -4.40 6.95
CA LEU A 65 -4.66 -3.21 7.80
C LEU A 65 -4.94 -2.01 6.92
N GLY A 66 -6.17 -1.50 6.99
CA GLY A 66 -6.56 -0.37 6.18
C GLY A 66 -7.37 -0.72 4.96
N ALA A 67 -8.47 -0.02 4.79
CA ALA A 67 -9.28 -0.19 3.60
C ALA A 67 -9.91 1.14 3.22
N TYR A 68 -9.61 1.60 2.02
CA TYR A 68 -10.08 2.90 1.58
C TYR A 68 -11.44 2.77 0.91
N CYS A 69 -11.45 2.33 -0.33
CA CYS A 69 -12.68 2.12 -1.05
C CYS A 69 -12.96 0.62 -1.27
N GLY A 70 -12.06 -0.24 -0.79
CA GLY A 70 -12.27 -1.67 -0.92
C GLY A 70 -11.56 -2.29 -2.10
N TYR A 71 -10.77 -1.49 -2.80
CA TYR A 71 -9.99 -1.93 -3.96
C TYR A 71 -9.07 -3.10 -3.61
N SER A 72 -8.27 -2.90 -2.57
CA SER A 72 -7.33 -3.91 -2.10
C SER A 72 -8.03 -5.17 -1.61
N ALA A 73 -9.21 -5.01 -1.01
CA ALA A 73 -9.95 -6.16 -0.51
C ALA A 73 -10.42 -7.04 -1.66
N VAL A 74 -10.97 -6.40 -2.68
CA VAL A 74 -11.51 -7.13 -3.80
C VAL A 74 -10.35 -7.81 -4.56
N ARG A 75 -9.30 -7.03 -4.79
CA ARG A 75 -8.09 -7.49 -5.46
C ARG A 75 -7.55 -8.76 -4.80
N MET A 76 -7.44 -8.74 -3.49
CA MET A 76 -6.87 -9.87 -2.77
C MET A 76 -7.88 -11.03 -2.59
N ALA A 77 -9.12 -10.73 -2.21
CA ALA A 77 -10.09 -11.79 -1.94
C ALA A 77 -10.41 -12.63 -3.16
N ARG A 78 -10.43 -12.03 -4.34
CA ARG A 78 -10.75 -12.80 -5.53
C ARG A 78 -9.73 -13.91 -5.83
N LEU A 79 -8.56 -13.87 -5.20
CA LEU A 79 -7.50 -14.81 -5.52
C LEU A 79 -7.46 -15.97 -4.53
N LEU A 80 -8.21 -15.87 -3.45
CA LEU A 80 -8.15 -16.87 -2.39
C LEU A 80 -8.91 -18.14 -2.75
N SER A 81 -8.45 -19.27 -2.22
CA SER A 81 -9.15 -20.53 -2.46
C SER A 81 -10.42 -20.54 -1.62
N PRO A 82 -11.36 -21.44 -1.92
CA PRO A 82 -12.59 -21.45 -1.12
C PRO A 82 -12.31 -21.64 0.38
N GLY A 83 -13.03 -20.91 1.22
CA GLY A 83 -12.85 -21.05 2.66
C GLY A 83 -11.65 -20.31 3.24
N ALA A 84 -10.86 -19.66 2.39
CA ALA A 84 -9.81 -18.79 2.92
C ALA A 84 -10.50 -17.57 3.50
N ARG A 85 -9.83 -16.86 4.40
CA ARG A 85 -10.42 -15.67 5.00
C ARG A 85 -9.54 -14.46 4.79
N LEU A 86 -10.14 -13.35 4.39
CA LEU A 86 -9.45 -12.07 4.48
C LEU A 86 -10.05 -11.31 5.65
N ILE A 87 -9.24 -10.99 6.65
CA ILE A 87 -9.74 -10.17 7.74
C ILE A 87 -9.25 -8.76 7.46
N THR A 88 -10.20 -7.81 7.34
CA THR A 88 -9.85 -6.42 7.09
C THR A 88 -10.17 -5.52 8.28
N ILE A 89 -9.16 -4.79 8.74
CA ILE A 89 -9.33 -3.83 9.82
C ILE A 89 -9.27 -2.42 9.24
N GLU A 90 -10.33 -1.65 9.46
CA GLU A 90 -10.35 -0.23 9.08
C GLU A 90 -10.95 0.62 10.21
N ILE A 91 -10.25 1.70 10.54
CA ILE A 91 -10.59 2.49 11.70
C ILE A 91 -11.68 3.51 11.37
N ASN A 92 -11.85 3.77 10.08
CA ASN A 92 -12.83 4.77 9.61
C ASN A 92 -14.13 4.12 9.12
N PRO A 93 -15.23 4.36 9.86
CA PRO A 93 -16.52 3.73 9.59
C PRO A 93 -17.06 4.03 8.20
N ASP A 94 -16.75 5.21 7.67
CA ASP A 94 -17.23 5.60 6.34
C ASP A 94 -16.43 4.89 5.23
N CYS A 95 -15.15 4.64 5.48
CA CYS A 95 -14.35 3.86 4.55
C CYS A 95 -14.74 2.40 4.65
N ALA A 96 -15.02 1.98 5.88
CA ALA A 96 -15.50 0.62 6.11
C ALA A 96 -16.80 0.35 5.36
N ALA A 97 -17.72 1.32 5.40
CA ALA A 97 -19.02 1.13 4.75
C ALA A 97 -18.90 1.02 3.23
N ILE A 98 -18.07 1.88 2.63
CA ILE A 98 -17.88 1.85 1.17
C ILE A 98 -17.21 0.53 0.75
N THR A 99 -16.27 0.07 1.57
CA THR A 99 -15.55 -1.17 1.29
C THR A 99 -16.49 -2.36 1.28
N GLN A 100 -17.32 -2.46 2.32
CA GLN A 100 -18.30 -3.54 2.39
C GLN A 100 -19.20 -3.51 1.17
N ARG A 101 -19.68 -2.31 0.81
CA ARG A 101 -20.50 -2.15 -0.40
C ARG A 101 -19.71 -2.62 -1.63
N MET A 102 -18.45 -2.19 -1.74
CA MET A 102 -17.58 -2.61 -2.84
C MET A 102 -17.39 -4.12 -2.85
N VAL A 103 -17.17 -4.70 -1.68
CA VAL A 103 -16.92 -6.12 -1.56
C VAL A 103 -18.16 -6.93 -1.88
N ASP A 104 -19.33 -6.46 -1.42
CA ASP A 104 -20.60 -7.09 -1.75
C ASP A 104 -20.85 -7.06 -3.25
N PHE A 105 -20.66 -5.88 -3.85
CA PHE A 105 -20.91 -5.72 -5.27
C PHE A 105 -19.95 -6.57 -6.11
N ALA A 106 -18.73 -6.73 -5.63
CA ALA A 106 -17.69 -7.45 -6.39
C ALA A 106 -17.85 -8.98 -6.33
N GLY A 107 -18.74 -9.46 -5.47
CA GLY A 107 -19.07 -10.88 -5.43
C GLY A 107 -18.13 -11.70 -4.56
N VAL A 108 -17.41 -11.05 -3.66
CA VAL A 108 -16.44 -11.76 -2.83
C VAL A 108 -16.73 -11.67 -1.31
N LYS A 109 -17.93 -11.24 -0.94
CA LYS A 109 -18.26 -11.04 0.47
C LYS A 109 -18.09 -12.31 1.32
N ASP A 110 -18.26 -13.46 0.67
CA ASP A 110 -18.10 -14.75 1.31
C ASP A 110 -16.70 -14.93 1.93
N LYS A 111 -15.71 -14.22 1.42
CA LYS A 111 -14.35 -14.39 1.92
C LYS A 111 -13.91 -13.30 2.89
N VAL A 112 -14.66 -12.21 2.99
CA VAL A 112 -14.20 -11.06 3.75
C VAL A 112 -14.88 -10.89 5.11
N THR A 113 -14.05 -10.73 6.14
CA THR A 113 -14.52 -10.31 7.48
C THR A 113 -13.98 -8.91 7.77
N LEU A 114 -14.87 -7.92 7.67
CA LEU A 114 -14.52 -6.54 7.91
C LEU A 114 -14.82 -6.15 9.35
N VAL A 115 -13.82 -5.54 9.99
CA VAL A 115 -13.88 -5.15 11.40
C VAL A 115 -13.54 -3.67 11.55
N VAL A 116 -14.48 -2.89 12.06
CA VAL A 116 -14.24 -1.46 12.25
C VAL A 116 -13.60 -1.18 13.60
N GLY A 117 -12.46 -0.48 13.59
CA GLY A 117 -11.82 -0.12 14.83
C GLY A 117 -10.33 0.05 14.66
N ALA A 118 -9.62 0.28 15.76
CA ALA A 118 -8.18 0.50 15.73
C ALA A 118 -7.43 -0.81 15.75
N SER A 119 -6.43 -0.92 14.87
CA SER A 119 -5.61 -2.13 14.76
C SER A 119 -4.99 -2.53 16.10
N GLN A 120 -4.50 -1.55 16.84
CA GLN A 120 -3.86 -1.81 18.13
C GLN A 120 -4.80 -2.45 19.16
N ASP A 121 -6.11 -2.23 19.02
CA ASP A 121 -7.10 -2.86 19.90
C ASP A 121 -7.60 -4.20 19.38
N ILE A 122 -7.73 -4.32 18.06
CA ILE A 122 -8.28 -5.52 17.43
C ILE A 122 -7.25 -6.65 17.32
N ILE A 123 -6.04 -6.29 16.92
CA ILE A 123 -4.98 -7.27 16.70
C ILE A 123 -4.84 -8.22 17.92
N PRO A 124 -4.79 -7.69 19.17
CA PRO A 124 -4.69 -8.63 20.31
C PRO A 124 -5.94 -9.52 20.51
N GLN A 125 -7.01 -9.24 19.77
CA GLN A 125 -8.24 -10.02 19.88
C GLN A 125 -8.34 -11.11 18.83
N LEU A 126 -7.41 -11.15 17.89
CA LEU A 126 -7.55 -12.03 16.74
C LEU A 126 -7.56 -13.53 17.10
N LYS A 127 -6.70 -13.96 18.01
CA LYS A 127 -6.71 -15.36 18.38
C LYS A 127 -7.99 -15.67 19.13
N LYS A 128 -8.18 -14.94 20.23
CA LYS A 128 -9.30 -15.12 21.13
C LYS A 128 -10.67 -15.01 20.46
N LYS A 129 -10.81 -14.11 19.50
CA LYS A 129 -12.13 -13.67 19.10
C LYS A 129 -12.44 -13.93 17.61
N TYR A 130 -11.42 -14.15 16.79
CA TYR A 130 -11.62 -14.34 15.35
C TYR A 130 -11.08 -15.68 14.84
N ASP A 131 -10.79 -16.60 15.76
CA ASP A 131 -10.30 -17.94 15.40
C ASP A 131 -9.06 -17.92 14.50
N VAL A 132 -8.12 -17.04 14.80
CA VAL A 132 -6.85 -17.04 14.09
C VAL A 132 -5.82 -17.79 14.93
N ASP A 133 -5.04 -18.65 14.28
CA ASP A 133 -3.92 -19.26 14.97
C ASP A 133 -2.67 -18.42 14.71
N THR A 134 -2.17 -18.49 13.48
CA THR A 134 -1.20 -17.52 13.00
C THR A 134 -1.62 -17.04 11.62
N LEU A 135 -1.07 -15.90 11.22
CA LEU A 135 -1.40 -15.29 9.95
C LEU A 135 -0.47 -15.81 8.88
N ASP A 136 -0.99 -16.04 7.68
CA ASP A 136 -0.13 -16.41 6.57
C ASP A 136 0.42 -15.16 5.87
N MET A 137 -0.29 -14.05 5.99
CA MET A 137 0.10 -12.86 5.26
C MET A 137 -0.54 -11.62 5.86
N VAL A 138 0.18 -10.50 5.82
CA VAL A 138 -0.35 -9.24 6.30
C VAL A 138 -0.16 -8.19 5.24
N PHE A 139 -1.23 -7.46 4.90
CA PHE A 139 -1.08 -6.33 4.00
C PHE A 139 -1.22 -5.04 4.79
N LEU A 140 -0.17 -4.21 4.80
CA LEU A 140 -0.21 -2.92 5.49
C LEU A 140 -0.44 -1.78 4.49
N ASP A 141 -1.56 -1.07 4.66
CA ASP A 141 -1.91 0.06 3.79
C ASP A 141 -2.65 1.17 4.59
N HIS A 142 -2.53 1.12 5.92
CA HIS A 142 -3.19 2.08 6.78
C HIS A 142 -2.24 3.21 7.14
N TRP A 143 -2.39 3.78 8.33
CA TRP A 143 -1.65 4.99 8.71
C TRP A 143 -0.20 4.65 8.98
N LYS A 144 0.71 5.44 8.39
CA LYS A 144 2.13 5.08 8.31
C LYS A 144 2.81 4.95 9.67
N ASP A 145 2.39 5.78 10.61
CA ASP A 145 2.85 5.70 11.99
C ASP A 145 2.46 4.38 12.68
N ARG A 146 1.55 3.62 12.08
CA ARG A 146 1.13 2.36 12.69
C ARG A 146 1.93 1.15 12.18
N TYR A 147 2.72 1.30 11.12
CA TYR A 147 3.35 0.12 10.47
C TYR A 147 4.28 -0.63 11.42
N LEU A 148 5.22 0.10 12.02
CA LEU A 148 6.16 -0.50 12.95
C LEU A 148 5.49 -0.92 14.26
N PRO A 149 4.72 -0.02 14.91
CA PRO A 149 4.01 -0.47 16.12
C PRO A 149 3.17 -1.73 15.92
N ASP A 150 2.41 -1.79 14.84
CA ASP A 150 1.56 -2.94 14.58
C ASP A 150 2.36 -4.21 14.22
N THR A 151 3.47 -4.02 13.52
CA THR A 151 4.38 -5.13 13.20
C THR A 151 4.93 -5.73 14.49
N LEU A 152 5.44 -4.88 15.38
CA LEU A 152 5.89 -5.33 16.70
C LEU A 152 4.75 -6.01 17.49
N LEU A 153 3.57 -5.40 17.43
CA LEU A 153 2.41 -5.92 18.16
C LEU A 153 2.00 -7.30 17.65
N LEU A 154 1.96 -7.46 16.32
CA LEU A 154 1.72 -8.78 15.73
C LEU A 154 2.69 -9.82 16.25
N GLU A 155 3.96 -9.44 16.35
CA GLU A 155 4.98 -10.34 16.86
C GLU A 155 4.73 -10.68 18.32
N GLU A 156 4.57 -9.65 19.16
CA GLU A 156 4.29 -9.86 20.59
C GLU A 156 3.09 -10.75 20.82
N CYS A 157 2.10 -10.67 19.95
CA CYS A 157 0.83 -11.36 20.16
C CYS A 157 0.88 -12.79 19.69
N GLY A 158 1.98 -13.17 19.05
CA GLY A 158 2.19 -14.55 18.63
C GLY A 158 1.47 -14.90 17.36
N LEU A 159 1.22 -13.90 16.54
CA LEU A 159 0.47 -14.07 15.31
C LEU A 159 1.34 -14.31 14.09
N LEU A 160 2.65 -14.10 14.26
CA LEU A 160 3.58 -14.32 13.15
C LEU A 160 4.23 -15.69 13.28
N ARG A 161 4.30 -16.42 12.18
CA ARG A 161 5.13 -17.62 12.13
C ARG A 161 6.22 -17.48 11.06
N LYS A 162 7.19 -18.38 11.08
CA LYS A 162 8.20 -18.41 10.02
C LYS A 162 7.54 -18.61 8.67
N GLY A 163 7.85 -17.73 7.71
CA GLY A 163 7.19 -17.77 6.41
C GLY A 163 5.98 -16.84 6.30
N THR A 164 5.56 -16.20 7.39
CA THR A 164 4.50 -15.19 7.29
C THR A 164 5.00 -14.03 6.45
N VAL A 165 4.18 -13.64 5.47
CA VAL A 165 4.54 -12.60 4.52
C VAL A 165 3.97 -11.23 4.89
N LEU A 166 4.82 -10.26 5.23
CA LEU A 166 4.31 -8.90 5.36
C LEU A 166 4.51 -8.20 4.06
N LEU A 167 3.45 -7.56 3.59
CA LEU A 167 3.49 -6.78 2.36
C LEU A 167 3.03 -5.36 2.67
N ALA A 168 3.97 -4.43 2.61
CA ALA A 168 3.68 -3.06 3.04
C ALA A 168 3.69 -2.09 1.87
N ASP A 169 2.58 -1.38 1.69
CA ASP A 169 2.41 -0.42 0.62
C ASP A 169 2.92 0.93 1.08
N ASN A 170 3.22 1.81 0.12
CA ASN A 170 3.46 3.23 0.37
C ASN A 170 4.65 3.46 1.30
N VAL A 171 5.67 2.60 1.21
CA VAL A 171 6.77 2.68 2.17
C VAL A 171 7.75 3.81 1.86
N ILE A 172 7.66 4.39 0.66
CA ILE A 172 8.49 5.54 0.32
C ILE A 172 7.68 6.83 0.40
N CYS A 173 6.50 6.80 -0.20
CA CYS A 173 5.61 7.96 -0.20
C CYS A 173 4.18 7.55 0.12
N PRO A 174 3.63 8.05 1.25
CA PRO A 174 4.21 9.00 2.20
C PRO A 174 5.47 8.51 2.92
N GLY A 175 5.60 7.20 3.08
CA GLY A 175 6.82 6.65 3.66
C GLY A 175 6.66 6.01 5.02
N ALA A 176 7.40 4.92 5.22
CA ALA A 176 7.43 4.26 6.52
C ALA A 176 8.88 3.88 6.82
N PRO A 177 9.74 4.88 7.01
CA PRO A 177 11.19 4.60 7.09
C PRO A 177 11.56 3.82 8.35
N ASP A 178 10.90 4.13 9.47
CA ASP A 178 11.19 3.44 10.72
C ASP A 178 10.81 1.97 10.65
N PHE A 179 9.72 1.69 9.92
CA PHE A 179 9.34 0.31 9.60
C PHE A 179 10.41 -0.39 8.77
N LEU A 180 10.79 0.26 7.67
CA LEU A 180 11.81 -0.29 6.77
C LEU A 180 13.13 -0.54 7.49
N ALA A 181 13.57 0.46 8.26
CA ALA A 181 14.80 0.30 9.02
C ALA A 181 14.76 -0.93 9.90
N HIS A 182 13.61 -1.19 10.51
CA HIS A 182 13.46 -2.28 11.45
C HIS A 182 13.47 -3.65 10.75
N VAL A 183 12.65 -3.84 9.72
CA VAL A 183 12.53 -5.16 9.14
C VAL A 183 13.74 -5.48 8.27
N ARG A 184 14.34 -4.45 7.67
CA ARG A 184 15.51 -4.65 6.86
C ARG A 184 16.69 -5.02 7.76
N GLY A 185 17.00 -4.19 8.73
CA GLY A 185 18.16 -4.42 9.58
C GLY A 185 18.05 -5.65 10.47
N SER A 186 16.80 -6.02 10.80
CA SER A 186 16.54 -7.16 11.68
C SER A 186 16.70 -8.47 10.92
N SER A 187 17.36 -9.42 11.55
CA SER A 187 17.55 -10.73 10.94
C SER A 187 16.30 -11.60 11.10
N CYS A 188 15.29 -11.09 11.81
CA CYS A 188 14.01 -11.79 11.92
C CYS A 188 13.14 -11.63 10.67
N PHE A 189 13.58 -10.79 9.74
CA PHE A 189 12.82 -10.51 8.53
C PHE A 189 13.71 -10.54 7.31
N GLU A 190 13.20 -11.12 6.24
CA GLU A 190 13.90 -11.12 4.96
C GLU A 190 13.12 -10.29 3.95
N CYS A 191 13.74 -9.23 3.43
CA CYS A 191 13.05 -8.17 2.69
C CYS A 191 13.39 -8.02 1.21
N THR A 192 12.38 -7.68 0.43
CA THR A 192 12.53 -7.38 -0.98
C THR A 192 11.81 -6.09 -1.24
N HIS A 193 12.42 -5.16 -1.97
CA HIS A 193 11.75 -3.92 -2.30
C HIS A 193 11.27 -3.95 -3.74
N TYR A 194 10.03 -3.50 -3.95
CA TYR A 194 9.45 -3.45 -5.29
C TYR A 194 9.09 -2.02 -5.68
N GLN A 195 9.75 -1.47 -6.69
CA GLN A 195 9.49 -0.08 -7.08
C GLN A 195 8.13 0.06 -7.75
N SER A 196 7.47 1.19 -7.51
CA SER A 196 6.18 1.47 -8.10
C SER A 196 5.94 2.96 -8.13
N PHE A 197 4.75 3.39 -8.55
CA PHE A 197 4.38 4.78 -8.35
C PHE A 197 2.96 4.82 -7.78
N LEU A 198 2.63 5.94 -7.16
CA LEU A 198 1.34 6.13 -6.52
C LEU A 198 0.19 5.99 -7.51
N GLU A 199 -0.98 5.66 -6.99
CA GLU A 199 -2.17 5.70 -7.82
C GLU A 199 -3.19 6.69 -7.25
N TYR A 200 -4.10 7.15 -8.11
CA TYR A 200 -4.97 8.27 -7.76
C TYR A 200 -5.78 7.97 -6.50
N ARG A 201 -6.24 6.72 -6.38
CA ARG A 201 -7.08 6.32 -5.25
C ARG A 201 -6.38 6.46 -3.89
N GLU A 202 -5.04 6.48 -3.89
CA GLU A 202 -4.28 6.43 -2.65
C GLU A 202 -4.11 7.78 -1.93
N VAL A 203 -3.85 8.84 -2.70
CA VAL A 203 -3.52 10.16 -2.15
C VAL A 203 -4.14 11.27 -3.00
N VAL A 204 -4.08 12.51 -2.51
CA VAL A 204 -4.22 13.69 -3.38
C VAL A 204 -3.24 14.76 -2.92
N ASP A 205 -2.96 15.71 -3.82
CA ASP A 205 -2.07 16.81 -3.48
C ASP A 205 -2.66 18.17 -3.85
N GLY A 206 -1.95 19.23 -3.46
CA GLY A 206 -2.40 20.57 -3.77
C GLY A 206 -1.33 21.59 -3.44
N LEU A 207 -1.48 22.78 -3.99
CA LEU A 207 -0.63 23.90 -3.64
C LEU A 207 -1.41 24.81 -2.72
N GLU A 208 -0.71 25.43 -1.78
CA GLU A 208 -1.31 26.52 -1.02
C GLU A 208 -0.68 27.83 -1.50
N LYS A 209 -1.52 28.83 -1.75
CA LYS A 209 -1.04 30.18 -1.95
C LYS A 209 -1.31 30.99 -0.69
N ALA A 210 -0.28 31.56 -0.08
CA ALA A 210 -0.49 32.30 1.15
C ALA A 210 0.10 33.68 0.97
N ILE A 211 -0.75 34.70 1.01
CA ILE A 211 -0.30 36.05 0.80
C ILE A 211 -0.14 36.75 2.13
N TYR A 212 1.07 37.28 2.36
CA TYR A 212 1.40 37.91 3.62
C TYR A 212 0.65 39.22 3.70
N LYS A 213 0.15 39.54 4.89
CA LYS A 213 -0.67 40.73 5.05
C LYS A 213 -0.04 41.78 5.96
N GLY A 214 1.12 41.44 6.52
CA GLY A 214 1.82 42.33 7.43
C GLY A 214 1.60 41.90 8.87
N PRO A 215 2.46 42.36 9.78
CA PRO A 215 2.17 42.19 11.21
C PRO A 215 0.91 42.97 11.57
N GLY A 216 0.80 44.17 10.99
CA GLY A 216 -0.42 44.97 11.04
C GLY A 216 -0.96 45.26 12.43
NA NA B . 16.12 -7.97 7.35
MG MG C . -1.60 2.62 -0.63
CL CL D . -8.76 0.13 -0.80
#